data_4JVH
#
_entry.id   4JVH
#
_cell.length_a   98.634
_cell.length_b   98.634
_cell.length_c   103.137
_cell.angle_alpha   90.000
_cell.angle_beta   90.000
_cell.angle_gamma   120.000
#
_symmetry.space_group_name_H-M   'P 61 2 2'
#
loop_
_entity.id
_entity.type
_entity.pdbx_description
1 polymer 'Protein quaking'
2 polymer "RNA (5'-R(*UP*UP*CP*AP*CP*UP*AP*AP*CP*AP*A)-3')"
3 non-polymer 'SULFATE ION'
#
loop_
_entity_poly.entity_id
_entity_poly.type
_entity_poly.pdbx_seq_one_letter_code
_entity_poly.pdbx_strand_id
1 'polypeptide(L)'
;STKEKPKPTPDYL(MSE)QL(MSE)NDKKL(MSE)SSLPNFCGIFNHLERLLDEEISRVRKD(MSE)YNDTLNGSTEKRS
AELPDAVGPIVQLQEKLYVPVKEYPDFNFVGRILGPRGLTAKQLEAETGCKI(MSE)VRGKGS(MSE)RDKKKEEQNRGK
PNWEHLNEDLHVLITVEDAQNRAEIKLKRAVEEVKKLLVPAAEGEDSLKK(MSE)QL(MSE)ELAILNGTYRDANIKSPA
L
;
A
2 'polyribonucleotide' UUCACUAACAA D
#
# COMPACT_ATOMS: atom_id res chain seq x y z
N LYS A 7 7.98 -7.06 -22.09
CA LYS A 7 9.39 -7.21 -21.73
C LYS A 7 9.69 -6.41 -20.49
N PRO A 8 9.27 -6.92 -19.33
CA PRO A 8 9.37 -6.20 -18.04
C PRO A 8 10.77 -6.31 -17.42
N THR A 9 11.75 -5.72 -18.07
CA THR A 9 13.12 -5.80 -17.59
C THR A 9 13.42 -4.65 -16.64
N PRO A 10 14.35 -4.88 -15.70
CA PRO A 10 14.73 -3.86 -14.71
C PRO A 10 15.32 -2.61 -15.35
N ASP A 11 16.30 -2.76 -16.23
CA ASP A 11 16.97 -1.62 -16.83
C ASP A 11 15.96 -0.77 -17.59
N TYR A 12 15.23 -1.44 -18.48
CA TYR A 12 14.26 -0.76 -19.33
C TYR A 12 13.21 -0.04 -18.50
N LEU A 13 12.98 -0.55 -17.30
CA LEU A 13 12.07 0.12 -16.38
C LEU A 13 12.69 1.43 -15.92
N GLN A 15 14.69 3.01 -17.61
CA GLN A 15 14.66 3.80 -18.83
C GLN A 15 13.23 4.20 -19.16
N LEU A 16 12.30 3.86 -18.26
CA LEU A 16 10.92 4.26 -18.41
C LEU A 16 10.59 5.42 -17.48
N ASN A 18 12.48 7.61 -16.50
CA ASN A 18 13.13 8.78 -17.04
C ASN A 18 12.45 9.23 -18.32
N ASP A 19 11.84 8.28 -19.00
CA ASP A 19 10.98 8.61 -20.11
C ASP A 19 9.88 9.47 -19.54
N LYS A 20 9.42 9.12 -18.34
CA LYS A 20 8.35 9.85 -17.70
C LYS A 20 8.81 11.16 -17.08
N LYS A 21 10.10 11.23 -16.72
CA LYS A 21 10.64 12.42 -16.08
C LYS A 21 10.59 13.62 -17.02
N LEU A 22 10.95 13.39 -18.27
CA LEU A 22 11.09 14.45 -19.25
C LEU A 22 9.74 14.93 -19.80
N SER A 24 6.43 14.90 -18.30
CA SER A 24 5.57 15.68 -17.41
C SER A 24 6.34 16.81 -16.73
N ASN A 34 -2.33 14.09 -24.38
CA ASN A 34 -3.05 13.93 -23.13
C ASN A 34 -3.21 12.47 -22.76
N HIS A 35 -2.95 11.60 -23.73
CA HIS A 35 -3.00 10.16 -23.49
C HIS A 35 -1.59 9.67 -23.23
N LEU A 36 -0.63 10.45 -23.69
CA LEU A 36 0.77 10.07 -23.62
C LEU A 36 1.18 9.68 -22.21
N GLU A 37 0.77 10.46 -21.23
CA GLU A 37 1.13 10.18 -19.85
C GLU A 37 0.51 8.88 -19.39
N ARG A 38 -0.78 8.75 -19.65
CA ARG A 38 -1.52 7.59 -19.20
C ARG A 38 -0.92 6.34 -19.82
N LEU A 39 -0.61 6.43 -21.11
CA LEU A 39 -0.01 5.32 -21.85
C LEU A 39 1.13 4.72 -21.07
N LEU A 40 1.90 5.59 -20.43
CA LEU A 40 3.08 5.16 -19.70
C LEU A 40 2.71 4.54 -18.37
N ASP A 41 1.83 5.23 -17.65
CA ASP A 41 1.43 4.83 -16.31
C ASP A 41 0.92 3.41 -16.27
N GLU A 42 0.34 2.96 -17.38
CA GLU A 42 -0.20 1.62 -17.45
C GLU A 42 0.93 0.60 -17.42
N GLU A 43 1.89 0.75 -18.33
CA GLU A 43 2.97 -0.20 -18.46
C GLU A 43 3.78 -0.24 -17.19
N ILE A 44 4.18 0.94 -16.72
CA ILE A 44 4.89 1.08 -15.46
C ILE A 44 4.28 0.18 -14.41
N SER A 45 2.99 0.39 -14.15
CA SER A 45 2.26 -0.42 -13.21
C SER A 45 2.30 -1.87 -13.65
N ARG A 46 2.10 -2.09 -14.95
CA ARG A 46 2.05 -3.44 -15.46
C ARG A 46 3.41 -4.10 -15.32
N VAL A 47 4.46 -3.34 -15.53
CA VAL A 47 5.80 -3.89 -15.36
C VAL A 47 5.97 -4.31 -13.91
N ARG A 48 5.72 -3.35 -13.02
CA ARG A 48 5.99 -3.48 -11.60
C ARG A 48 5.22 -4.63 -10.98
N LYS A 49 3.97 -4.75 -11.41
CA LYS A 49 3.11 -5.84 -11.01
C LYS A 49 3.74 -7.18 -11.39
N ASP A 50 4.23 -7.26 -12.63
CA ASP A 50 4.89 -8.45 -13.12
C ASP A 50 6.18 -8.71 -12.36
N TYR A 52 6.76 -8.10 -9.08
CA TYR A 52 6.40 -8.72 -7.82
C TYR A 52 5.68 -10.07 -8.00
N ASN A 53 4.82 -10.16 -9.02
CA ASN A 53 4.06 -11.41 -9.25
C ASN A 53 4.92 -12.64 -9.60
N ASP A 54 6.21 -12.41 -9.85
CA ASP A 54 7.15 -13.51 -10.06
C ASP A 54 7.79 -13.93 -8.73
N THR A 55 7.24 -13.39 -7.63
CA THR A 55 7.69 -13.75 -6.29
C THR A 55 6.70 -14.69 -5.61
N SER A 64 -6.06 -15.94 -8.38
CA SER A 64 -6.69 -14.91 -9.20
C SER A 64 -8.13 -15.29 -9.49
N ALA A 65 -9.05 -14.78 -8.69
CA ALA A 65 -10.45 -15.05 -8.90
C ALA A 65 -11.13 -13.77 -9.36
N GLU A 66 -12.42 -13.85 -9.64
CA GLU A 66 -13.10 -12.68 -10.16
C GLU A 66 -14.44 -12.40 -9.49
N LEU A 67 -14.67 -11.13 -9.20
CA LEU A 67 -15.77 -10.71 -8.36
C LEU A 67 -17.13 -11.06 -8.95
N PRO A 68 -18.09 -11.37 -8.08
CA PRO A 68 -19.44 -11.70 -8.51
C PRO A 68 -20.18 -10.41 -8.85
N ASP A 69 -21.30 -10.54 -9.55
CA ASP A 69 -22.09 -9.39 -9.94
C ASP A 69 -22.80 -8.87 -8.71
N ALA A 70 -22.79 -7.55 -8.57
CA ALA A 70 -23.27 -6.87 -7.35
C ALA A 70 -24.67 -7.31 -6.97
N VAL A 71 -24.88 -7.53 -5.68
CA VAL A 71 -26.19 -7.91 -5.18
C VAL A 71 -26.51 -7.16 -3.90
N GLY A 72 -27.45 -6.23 -3.98
CA GLY A 72 -27.93 -5.55 -2.81
C GLY A 72 -27.46 -4.12 -2.73
N PRO A 73 -27.91 -3.40 -1.70
CA PRO A 73 -27.61 -1.98 -1.54
C PRO A 73 -26.20 -1.77 -1.09
N ILE A 74 -25.61 -0.69 -1.57
CA ILE A 74 -24.19 -0.42 -1.38
C ILE A 74 -23.82 -0.25 0.09
N VAL A 75 -22.66 -0.78 0.45
CA VAL A 75 -22.24 -0.89 1.83
C VAL A 75 -20.81 -0.38 1.92
N GLN A 76 -20.41 0.04 3.12
CA GLN A 76 -19.03 0.44 3.37
C GLN A 76 -18.41 -0.44 4.44
N LEU A 77 -17.29 -1.07 4.12
CA LEU A 77 -16.64 -1.98 5.05
C LEU A 77 -15.27 -1.49 5.49
N GLN A 78 -15.01 -1.46 6.78
CA GLN A 78 -13.66 -1.13 7.25
C GLN A 78 -13.03 -2.29 8.01
N GLU A 79 -11.72 -2.21 8.21
CA GLU A 79 -11.02 -3.11 9.10
C GLU A 79 -9.73 -2.50 9.57
N LYS A 80 -9.75 -1.96 10.78
CA LYS A 80 -8.56 -1.41 11.39
C LYS A 80 -7.63 -2.56 11.73
N LEU A 81 -6.44 -2.53 11.15
CA LEU A 81 -5.50 -3.60 11.36
C LEU A 81 -4.25 -3.06 12.04
N TYR A 82 -4.11 -3.30 13.34
CA TYR A 82 -2.99 -2.74 14.08
C TYR A 82 -1.68 -3.45 13.81
N VAL A 83 -0.60 -2.68 13.85
CA VAL A 83 0.74 -3.23 13.64
C VAL A 83 1.42 -3.47 14.98
N PRO A 84 2.14 -4.60 15.09
CA PRO A 84 2.64 -5.08 16.38
C PRO A 84 3.97 -4.47 16.81
N VAL A 85 4.07 -3.15 16.85
CA VAL A 85 5.29 -2.51 17.32
C VAL A 85 5.47 -2.80 18.80
N LYS A 86 4.38 -3.07 19.48
CA LYS A 86 4.44 -3.51 20.86
C LYS A 86 5.20 -4.81 20.91
N GLU A 87 4.99 -5.66 19.90
CA GLU A 87 5.69 -6.92 19.84
C GLU A 87 7.06 -6.75 19.18
N TYR A 88 7.11 -6.06 18.06
CA TYR A 88 8.35 -5.93 17.31
C TYR A 88 8.70 -4.48 17.02
N PRO A 89 9.21 -3.76 18.03
CA PRO A 89 9.46 -2.33 17.94
C PRO A 89 10.51 -1.95 16.90
N ASP A 90 11.62 -2.69 16.85
CA ASP A 90 12.73 -2.28 16.01
C ASP A 90 12.39 -2.27 14.52
N PHE A 91 11.57 -3.22 14.10
CA PHE A 91 11.30 -3.36 12.69
C PHE A 91 10.36 -2.29 12.17
N ASN A 92 10.71 -1.70 11.03
CA ASN A 92 9.89 -0.67 10.42
C ASN A 92 8.93 -1.28 9.43
N PHE A 93 7.73 -1.56 9.90
CA PHE A 93 6.73 -2.17 9.03
C PHE A 93 6.27 -1.15 8.04
N VAL A 94 6.02 0.04 8.55
CA VAL A 94 5.33 1.07 7.81
C VAL A 94 5.92 1.34 6.46
N GLY A 95 7.23 1.47 6.39
CA GLY A 95 7.89 1.76 5.13
C GLY A 95 7.63 0.69 4.11
N ARG A 96 7.93 -0.54 4.51
CA ARG A 96 7.69 -1.74 3.73
C ARG A 96 6.34 -1.70 3.05
N ILE A 97 5.32 -1.28 3.80
CA ILE A 97 3.97 -1.21 3.26
C ILE A 97 3.83 -0.15 2.21
N LEU A 98 4.15 1.09 2.58
CA LEU A 98 3.97 2.21 1.70
C LEU A 98 4.86 2.06 0.48
N GLY A 99 6.14 1.87 0.74
CA GLY A 99 7.11 1.70 -0.32
C GLY A 99 7.49 3.03 -0.93
N PRO A 100 8.35 3.01 -1.95
CA PRO A 100 8.83 4.20 -2.64
C PRO A 100 7.70 4.95 -3.33
N ARG A 101 7.63 6.26 -3.11
CA ARG A 101 6.56 7.08 -3.64
C ARG A 101 5.20 6.54 -3.22
N GLY A 102 5.21 5.74 -2.15
CA GLY A 102 4.01 5.10 -1.64
C GLY A 102 3.41 4.14 -2.65
N LEU A 103 4.18 3.79 -3.66
CA LEU A 103 3.67 2.98 -4.76
C LEU A 103 3.16 1.62 -4.33
N THR A 104 3.86 0.97 -3.41
CA THR A 104 3.46 -0.36 -3.00
C THR A 104 2.07 -0.28 -2.44
N ALA A 105 1.87 0.68 -1.55
CA ALA A 105 0.57 0.94 -0.98
C ALA A 105 -0.40 1.34 -2.08
N LYS A 106 0.12 1.91 -3.15
CA LYS A 106 -0.72 2.40 -4.23
C LYS A 106 -1.15 1.26 -5.12
N GLN A 107 -0.23 0.35 -5.40
CA GLN A 107 -0.56 -0.79 -6.25
C GLN A 107 -1.51 -1.72 -5.54
N LEU A 108 -1.53 -1.63 -4.22
CA LEU A 108 -2.37 -2.49 -3.40
C LEU A 108 -3.80 -2.00 -3.38
N GLU A 109 -4.01 -0.69 -3.29
CA GLU A 109 -5.33 -0.13 -3.40
C GLU A 109 -5.87 -0.49 -4.75
N ALA A 110 -4.98 -0.51 -5.73
CA ALA A 110 -5.36 -0.74 -7.10
C ALA A 110 -5.92 -2.14 -7.28
N GLU A 111 -5.15 -3.14 -6.88
CA GLU A 111 -5.48 -4.51 -7.22
C GLU A 111 -6.48 -5.16 -6.29
N THR A 112 -6.96 -4.41 -5.32
CA THR A 112 -7.94 -4.95 -4.39
C THR A 112 -9.18 -4.07 -4.37
N GLY A 113 -8.98 -2.77 -4.52
CA GLY A 113 -10.08 -1.83 -4.54
C GLY A 113 -10.30 -1.16 -3.20
N CYS A 114 -9.70 -1.72 -2.16
CA CYS A 114 -9.84 -1.19 -0.81
C CYS A 114 -8.97 0.03 -0.62
N LYS A 115 -9.51 1.04 0.05
CA LYS A 115 -8.70 2.18 0.38
C LYS A 115 -7.76 1.80 1.50
N ILE A 116 -6.48 1.72 1.16
CA ILE A 116 -5.47 1.46 2.16
C ILE A 116 -4.93 2.78 2.68
N VAL A 118 -2.54 4.38 6.21
CA VAL A 118 -1.89 4.23 7.50
C VAL A 118 -2.29 5.34 8.44
N ARG A 119 -2.99 4.98 9.50
CA ARG A 119 -3.34 5.93 10.53
C ARG A 119 -2.84 5.42 11.86
N GLY A 120 -3.07 6.19 12.91
CA GLY A 120 -2.74 5.75 14.25
C GLY A 120 -1.60 6.54 14.84
N LYS A 121 -1.13 6.09 16.00
CA LYS A 121 -0.04 6.75 16.68
C LYS A 121 1.27 6.52 15.96
N GLY A 122 1.98 7.60 15.67
CA GLY A 122 3.28 7.47 15.03
C GLY A 122 3.11 7.32 13.54
N SER A 123 1.92 7.62 13.06
CA SER A 123 1.60 7.57 11.64
C SER A 123 2.57 8.44 10.92
N ARG A 125 5.78 10.29 10.34
CA ARG A 125 7.14 9.94 10.70
C ARG A 125 7.60 10.85 11.83
N ASP A 126 7.36 12.15 11.66
CA ASP A 126 7.73 13.14 12.65
C ASP A 126 6.89 12.97 13.90
N LYS A 127 7.56 13.04 15.05
CA LYS A 127 6.88 12.92 16.31
C LYS A 127 6.29 14.27 16.65
N LYS A 128 6.95 15.32 16.17
CA LYS A 128 6.61 16.68 16.52
C LYS A 128 5.27 17.08 15.96
N LYS A 129 5.17 17.06 14.63
CA LYS A 129 3.98 17.51 13.93
C LYS A 129 2.74 16.80 14.46
N GLU A 130 2.91 15.51 14.71
CA GLU A 130 1.85 14.67 15.21
C GLU A 130 1.43 15.13 16.59
N GLU A 131 2.38 15.61 17.38
CA GLU A 131 2.09 16.01 18.76
C GLU A 131 1.18 17.24 18.86
N GLN A 132 0.63 17.67 17.73
CA GLN A 132 -0.15 18.89 17.72
C GLN A 132 -1.54 18.69 17.13
N ASN A 133 -1.68 17.71 16.25
CA ASN A 133 -2.93 17.54 15.53
C ASN A 133 -4.00 16.79 16.31
N ARG A 134 -3.66 16.36 17.52
CA ARG A 134 -4.58 15.60 18.34
C ARG A 134 -5.86 16.37 18.55
N GLY A 135 -6.99 15.73 18.25
CA GLY A 135 -8.28 16.35 18.50
C GLY A 135 -8.80 17.12 17.31
N LYS A 136 -7.90 17.65 16.50
CA LYS A 136 -8.30 18.32 15.27
C LYS A 136 -9.07 17.33 14.42
N PRO A 137 -10.20 17.77 13.84
CA PRO A 137 -11.09 16.91 13.06
C PRO A 137 -10.33 16.09 12.05
N ASN A 138 -10.69 14.82 11.94
CA ASN A 138 -9.99 13.88 11.07
C ASN A 138 -8.57 13.56 11.54
N TRP A 139 -8.28 13.87 12.80
CA TRP A 139 -7.03 13.44 13.40
C TRP A 139 -7.32 12.77 14.71
N GLU A 140 -8.55 12.31 14.85
CA GLU A 140 -8.94 11.56 16.01
C GLU A 140 -8.11 10.29 16.04
N HIS A 141 -7.82 9.79 14.85
CA HIS A 141 -7.14 8.51 14.67
C HIS A 141 -5.76 8.50 15.28
N LEU A 142 -5.26 9.67 15.64
CA LEU A 142 -3.93 9.77 16.20
C LEU A 142 -3.92 9.30 17.63
N ASN A 143 -5.10 9.10 18.21
CA ASN A 143 -5.15 8.64 19.59
C ASN A 143 -5.29 7.14 19.69
N GLU A 144 -5.27 6.47 18.55
CA GLU A 144 -5.27 5.02 18.54
C GLU A 144 -3.86 4.55 18.26
N ASP A 145 -3.56 3.33 18.66
CA ASP A 145 -2.27 2.74 18.36
C ASP A 145 -2.13 2.67 16.86
N LEU A 146 -0.91 2.46 16.38
CA LEU A 146 -0.67 2.50 14.95
C LEU A 146 -1.35 1.33 14.28
N HIS A 147 -2.01 1.61 13.16
CA HIS A 147 -2.72 0.56 12.46
C HIS A 147 -2.73 0.81 10.97
N VAL A 148 -3.34 -0.11 10.25
CA VAL A 148 -3.56 0.08 8.84
C VAL A 148 -5.06 0.04 8.62
N LEU A 149 -5.60 1.10 8.02
CA LEU A 149 -7.01 1.19 7.78
C LEU A 149 -7.36 0.77 6.36
N ILE A 150 -8.38 -0.06 6.22
CA ILE A 150 -8.74 -0.64 4.94
C ILE A 150 -10.23 -0.44 4.77
N THR A 151 -10.63 0.43 3.85
CA THR A 151 -12.04 0.73 3.64
C THR A 151 -12.53 0.42 2.25
N VAL A 152 -13.78 -0.01 2.14
CA VAL A 152 -14.36 -0.32 0.84
C VAL A 152 -15.75 0.26 0.70
N GLU A 153 -16.11 0.65 -0.52
CA GLU A 153 -17.50 0.96 -0.81
C GLU A 153 -17.97 0.09 -1.94
N ASP A 154 -18.89 -0.81 -1.62
CA ASP A 154 -19.44 -1.72 -2.60
C ASP A 154 -20.56 -2.51 -1.96
N ALA A 155 -21.26 -3.29 -2.75
CA ALA A 155 -22.31 -4.12 -2.24
C ALA A 155 -21.65 -5.15 -1.36
N GLN A 156 -22.40 -5.68 -0.41
CA GLN A 156 -21.82 -6.56 0.59
C GLN A 156 -21.03 -7.68 -0.05
N ASN A 157 -21.72 -8.61 -0.70
CA ASN A 157 -21.07 -9.81 -1.24
C ASN A 157 -19.88 -9.48 -2.11
N ARG A 158 -19.87 -8.27 -2.64
CA ARG A 158 -18.83 -7.87 -3.55
C ARG A 158 -17.73 -7.17 -2.78
N ALA A 159 -18.04 -6.71 -1.58
CA ALA A 159 -17.06 -5.96 -0.82
C ALA A 159 -16.32 -6.87 0.13
N GLU A 160 -17.04 -7.83 0.69
CA GLU A 160 -16.43 -8.78 1.59
C GLU A 160 -15.22 -9.38 0.92
N ILE A 161 -15.41 -9.79 -0.31
CA ILE A 161 -14.32 -10.34 -1.10
C ILE A 161 -13.23 -9.32 -1.27
N LYS A 162 -13.60 -8.11 -1.65
CA LYS A 162 -12.64 -7.04 -1.86
C LYS A 162 -11.84 -6.81 -0.61
N LEU A 163 -12.53 -6.75 0.51
CA LEU A 163 -11.86 -6.49 1.77
C LEU A 163 -10.95 -7.65 2.07
N LYS A 164 -11.55 -8.82 2.28
CA LYS A 164 -10.79 -10.03 2.60
C LYS A 164 -9.65 -10.36 1.65
N ARG A 165 -9.54 -9.63 0.55
CA ARG A 165 -8.38 -9.80 -0.30
C ARG A 165 -7.23 -8.94 0.18
N ALA A 166 -7.54 -7.74 0.62
CA ALA A 166 -6.53 -6.79 1.04
C ALA A 166 -6.16 -7.06 2.48
N VAL A 167 -7.13 -7.52 3.25
CA VAL A 167 -6.91 -7.91 4.62
C VAL A 167 -5.84 -8.95 4.67
N GLU A 168 -5.99 -9.95 3.82
CA GLU A 168 -5.14 -11.13 3.77
C GLU A 168 -3.85 -10.81 3.04
N GLU A 169 -3.48 -9.55 3.00
CA GLU A 169 -2.30 -9.13 2.27
C GLU A 169 -1.52 -8.15 3.10
N VAL A 170 -2.21 -7.42 3.95
CA VAL A 170 -1.51 -6.54 4.85
C VAL A 170 -0.93 -7.37 5.97
N LYS A 171 -1.65 -8.40 6.37
CA LYS A 171 -1.17 -9.28 7.40
C LYS A 171 0.17 -9.83 6.98
N LYS A 172 0.34 -10.03 5.69
CA LYS A 172 1.63 -10.47 5.18
C LYS A 172 2.67 -9.42 5.46
N LEU A 173 2.28 -8.15 5.32
CA LEU A 173 3.21 -7.07 5.54
C LEU A 173 3.34 -6.74 7.02
N LEU A 174 2.48 -7.33 7.84
CA LEU A 174 2.60 -7.18 9.28
C LEU A 174 3.32 -8.38 9.87
N VAL A 175 4.25 -8.94 9.11
CA VAL A 175 5.07 -10.06 9.56
C VAL A 175 6.52 -9.86 9.10
N PRO A 176 7.43 -9.65 10.06
CA PRO A 176 8.78 -9.16 9.78
C PRO A 176 9.68 -10.19 9.13
N ALA A 177 9.86 -10.10 7.81
CA ALA A 177 10.84 -10.93 7.13
C ALA A 177 12.22 -10.50 7.56
N ALA A 178 12.94 -11.40 8.23
CA ALA A 178 14.29 -11.11 8.71
C ALA A 178 15.19 -10.63 7.57
N GLU A 179 16.08 -9.70 7.87
CA GLU A 179 16.97 -9.11 6.87
C GLU A 179 17.79 -10.18 6.16
N GLY A 180 17.83 -10.10 4.83
CA GLY A 180 18.58 -11.05 4.03
C GLY A 180 17.68 -12.12 3.49
N GLU A 181 16.40 -12.02 3.85
CA GLU A 181 15.39 -12.97 3.41
C GLU A 181 14.17 -12.20 2.95
N ASP A 182 14.13 -10.93 3.31
CA ASP A 182 13.04 -10.07 2.86
C ASP A 182 13.30 -9.67 1.42
N SER A 183 12.93 -10.55 0.49
CA SER A 183 13.10 -10.27 -0.91
C SER A 183 12.35 -9.02 -1.30
N LEU A 184 11.19 -8.84 -0.68
CA LEU A 184 10.36 -7.69 -0.96
C LEU A 184 11.07 -6.40 -0.60
N LYS A 185 11.82 -6.42 0.50
CA LYS A 185 12.49 -5.22 0.94
C LYS A 185 13.46 -4.73 -0.13
N LYS A 186 14.24 -5.65 -0.68
CA LYS A 186 15.17 -5.30 -1.74
C LYS A 186 14.44 -4.79 -2.98
N GLN A 188 11.78 -2.98 -3.34
CA GLN A 188 11.44 -1.57 -3.23
C GLN A 188 12.71 -0.74 -3.17
N LEU A 189 13.67 -1.23 -2.39
CA LEU A 189 14.91 -0.52 -2.15
C LEU A 189 15.70 -0.30 -3.44
N GLU A 191 14.00 -0.09 -6.31
CA GLU A 191 13.10 0.85 -6.96
C GLU A 191 13.37 2.24 -6.42
N LEU A 192 13.62 2.33 -5.13
CA LEU A 192 13.96 3.60 -4.52
C LEU A 192 15.28 4.11 -5.09
N ALA A 193 16.29 3.27 -5.06
CA ALA A 193 17.61 3.64 -5.52
C ALA A 193 17.66 3.95 -7.01
N ILE A 194 16.51 3.80 -7.67
CA ILE A 194 16.38 4.19 -9.06
C ILE A 194 15.78 5.57 -9.14
N LEU A 195 14.72 5.80 -8.36
CA LEU A 195 14.10 7.11 -8.26
C LEU A 195 15.12 8.09 -7.69
N ASN A 196 16.01 7.58 -6.86
CA ASN A 196 17.11 8.38 -6.30
C ASN A 196 18.18 8.61 -7.36
N GLY A 197 18.33 7.66 -8.27
CA GLY A 197 19.31 7.76 -9.33
C GLY A 197 20.71 7.49 -8.85
N THR A 198 20.83 6.87 -7.68
CA THR A 198 22.12 6.57 -7.08
C THR A 198 22.65 5.22 -7.57
N TYR A 199 21.81 4.49 -8.29
CA TYR A 199 22.23 3.25 -8.93
C TYR A 199 21.82 3.23 -10.41
#